data_4D6E
#
_entry.id   4D6E
#
_cell.length_a   92.270
_cell.length_b   153.750
_cell.length_c   96.880
_cell.angle_alpha   90.00
_cell.angle_beta   90.00
_cell.angle_gamma   90.00
#
_symmetry.space_group_name_H-M   'C 2 2 21'
#
loop_
_entity.id
_entity.type
_entity.pdbx_description
1 polymer 'GLYCOSIDE HYDROLASE'
2 branched alpha-L-fucopyranose-(1-2)-[2-acetamido-2-deoxy-alpha-D-galactopyranose-(1-3)]beta-D-galactopyranose
3 non-polymer 'SULFATE ION'
4 non-polymer 1,2-ETHANEDIOL
5 water water
#
_entity_poly.entity_id   1
_entity_poly.type   'polypeptide(L)'
_entity_poly.pdbx_seq_one_letter_code
;EVDKRREINNEHPLLMMPLYANGEEFNQGKYTFWGGDTLTGKWENIPDDLKPYTVIQLHPDDLPKRDGAARDFYEHMLEE
AAKYVNPKTGKNEPIPVILTVYTAGNMPYYTSAHWLSTSWIDKMYQKYPNLHGIFSTESYWIWANDIENKAADYLKVSAK
NGGYFIWAEQNVGSAIEKAFGKNGKIAFQKSVDKYWKNLIFMFKNTPAAEGNDSTTESYMKGLWLSNHTYQWGGLMDTWK
WYETGKWKLFASGNIGKSQGDRQWLTEPESMLGEEALGVYLNGGVVYNFEHPAYTYGVNNKESLLFSEVIKEFFRYVIAH
PAPSKEKVLEDTKVFIHGDYSNKGNGKFFVNVNTDREQTPLYMTGRYNVIPAIPGVLKTDKLKESVSSSRIQIKEITSPE
FSSTQARKEYLNKLYPMNYEGDIFAQKLDNRWFVYNYKVNENVKQTGKLKFNSLEMNVEFEPHTYGIFERISNGLKVNLN
NFRTNKDSLWSNAQDANQAKKLPQLTKKGAIKWIEEHYIKDTQFGEKRVTKIVLRGIDKLPTIHSLSGTNNSYDQPSLNF
DQKNHMVTITINSNGNLEFELHFLEHTRAPPPPPLRSGC
;
_entity_poly.pdbx_strand_id   A
#
loop_
_chem_comp.id
_chem_comp.type
_chem_comp.name
_chem_comp.formula
A2G D-saccharide, alpha linking 2-acetamido-2-deoxy-alpha-D-galactopyranose 'C8 H15 N O6'
EDO non-polymer 1,2-ETHANEDIOL 'C2 H6 O2'
FUC L-saccharide, alpha linking alpha-L-fucopyranose 'C6 H12 O5'
GAL D-saccharide, beta linking beta-D-galactopyranose 'C6 H12 O6'
SO4 non-polymer 'SULFATE ION' 'O4 S -2'
#
# COMPACT_ATOMS: atom_id res chain seq x y z
N GLU A 1 -15.10 -16.98 20.97
CA GLU A 1 -14.25 -16.82 19.75
C GLU A 1 -13.24 -17.98 19.69
N VAL A 2 -13.00 -18.48 18.48
CA VAL A 2 -11.99 -19.49 18.24
C VAL A 2 -10.63 -18.78 18.30
N ASP A 3 -9.63 -19.42 18.88
CA ASP A 3 -8.29 -18.83 18.98
C ASP A 3 -7.82 -18.41 17.58
N LYS A 4 -7.30 -17.19 17.45
CA LYS A 4 -6.79 -16.67 16.17
C LYS A 4 -5.54 -17.42 15.78
N ARG A 5 -5.39 -17.68 14.48
CA ARG A 5 -4.23 -18.38 13.96
C ARG A 5 -2.97 -17.52 13.93
N ARG A 6 -3.16 -16.20 13.88
CA ARG A 6 -2.07 -15.25 13.95
C ARG A 6 -2.64 -13.93 14.44
N GLU A 7 -1.76 -13.06 14.91
CA GLU A 7 -2.08 -11.68 15.23
C GLU A 7 -1.81 -10.80 14.01
N ILE A 8 -2.70 -9.82 13.81
CA ILE A 8 -2.52 -8.77 12.83
C ILE A 8 -2.92 -7.50 13.54
N ASN A 9 -1.94 -6.66 13.83
CA ASN A 9 -2.20 -5.38 14.49
C ASN A 9 -0.96 -4.50 14.35
N ASN A 10 -0.96 -3.32 14.96
CA ASN A 10 0.19 -2.41 14.80
C ASN A 10 1.54 -3.03 15.17
N GLU A 11 1.56 -3.85 16.22
CA GLU A 11 2.77 -4.53 16.68
C GLU A 11 3.11 -5.76 15.86
N HIS A 12 2.10 -6.32 15.18
CA HIS A 12 2.22 -7.51 14.35
C HIS A 12 1.61 -7.18 12.99
N PRO A 13 2.25 -6.29 12.23
CA PRO A 13 1.70 -5.97 10.91
C PRO A 13 1.81 -7.14 9.94
N LEU A 14 1.23 -6.99 8.75
CA LEU A 14 1.18 -8.07 7.79
C LEU A 14 1.55 -7.57 6.40
N LEU A 15 2.57 -8.20 5.81
CA LEU A 15 2.96 -8.00 4.43
C LEU A 15 2.54 -9.26 3.69
N MET A 16 1.57 -9.12 2.78
CA MET A 16 1.15 -10.23 1.94
C MET A 16 2.16 -10.38 0.82
N MET A 17 2.49 -11.63 0.49
CA MET A 17 3.55 -11.96 -0.48
C MET A 17 2.92 -12.77 -1.61
N PRO A 18 2.47 -12.09 -2.68
CA PRO A 18 1.68 -12.79 -3.71
C PRO A 18 2.49 -13.71 -4.61
N LEU A 19 1.88 -14.84 -4.94
CA LEU A 19 2.37 -15.81 -5.90
C LEU A 19 1.19 -16.17 -6.80
N TYR A 20 1.32 -15.84 -8.10
CA TYR A 20 0.27 -15.99 -9.09
C TYR A 20 0.49 -17.24 -9.92
N ALA A 21 -0.49 -18.13 -9.90
CA ALA A 21 -0.40 -19.41 -10.63
C ALA A 21 -0.20 -19.18 -12.12
N ASN A 22 0.67 -19.99 -12.72
CA ASN A 22 0.87 -20.00 -14.15
C ASN A 22 -0.03 -21.05 -14.80
N GLY A 23 -1.17 -20.59 -15.32
CA GLY A 23 -2.17 -21.50 -15.87
C GLY A 23 -1.74 -22.16 -17.16
N GLU A 24 -0.87 -21.50 -17.92
CA GLU A 24 -0.36 -22.10 -19.16
C GLU A 24 0.49 -23.31 -18.83
N GLU A 25 1.35 -23.18 -17.84
CA GLU A 25 2.18 -24.29 -17.40
C GLU A 25 1.37 -25.35 -16.65
N PHE A 26 0.32 -24.94 -15.95
CA PHE A 26 -0.61 -25.89 -15.35
C PHE A 26 -1.20 -26.83 -16.39
N ASN A 27 -1.52 -26.31 -17.55
CA ASN A 27 -2.03 -27.12 -18.64
C ASN A 27 -1.01 -28.10 -19.19
N GLN A 28 0.27 -27.87 -18.93
CA GLN A 28 1.35 -28.79 -19.27
C GLN A 28 1.75 -29.73 -18.13
N GLY A 29 0.96 -29.72 -17.05
CA GLY A 29 1.19 -30.61 -15.93
C GLY A 29 2.15 -30.10 -14.87
N LYS A 30 2.53 -28.82 -14.96
CA LYS A 30 3.45 -28.21 -14.02
C LYS A 30 2.69 -27.33 -13.02
N TYR A 31 3.31 -27.14 -11.86
CA TYR A 31 2.78 -26.33 -10.77
C TYR A 31 3.77 -25.21 -10.50
N THR A 32 3.53 -24.08 -11.15
CA THR A 32 4.47 -22.98 -11.16
C THR A 32 3.73 -21.65 -11.04
N PHE A 33 4.53 -20.61 -10.83
CA PHE A 33 4.04 -19.24 -10.69
C PHE A 33 4.64 -18.35 -11.76
N TRP A 34 3.83 -17.40 -12.24
CA TRP A 34 4.33 -16.38 -13.17
C TRP A 34 5.48 -15.61 -12.52
N GLY A 35 6.58 -15.51 -13.24
CA GLY A 35 7.78 -14.84 -12.73
C GLY A 35 8.81 -15.79 -12.14
N GLY A 36 8.46 -17.07 -12.00
CA GLY A 36 9.43 -18.09 -11.62
C GLY A 36 9.72 -18.27 -10.15
N ASP A 37 9.10 -17.46 -9.28
CA ASP A 37 9.19 -17.73 -7.85
C ASP A 37 8.64 -19.13 -7.58
N THR A 38 9.15 -19.77 -6.52
CA THR A 38 8.57 -21.01 -6.02
C THR A 38 8.09 -20.73 -4.59
N LEU A 39 7.14 -21.52 -4.09
CA LEU A 39 6.62 -21.27 -2.77
C LEU A 39 7.73 -21.39 -1.73
N THR A 40 8.44 -22.53 -1.75
CA THR A 40 9.52 -22.77 -0.80
C THR A 40 10.64 -21.76 -0.95
N GLY A 41 11.05 -21.50 -2.19
CA GLY A 41 12.15 -20.57 -2.44
C GLY A 41 11.85 -19.15 -2.04
N LYS A 42 10.63 -18.71 -2.27
CA LYS A 42 10.21 -17.37 -1.92
C LYS A 42 10.23 -17.22 -0.40
N TRP A 43 9.64 -18.19 0.30
CA TRP A 43 9.66 -18.18 1.75
C TRP A 43 11.08 -18.14 2.31
N GLU A 44 11.93 -19.03 1.81
CA GLU A 44 13.31 -19.06 2.27
C GLU A 44 14.05 -17.75 2.08
N ASN A 45 13.76 -17.05 1.00
CA ASN A 45 14.39 -15.76 0.70
C ASN A 45 13.86 -14.58 1.52
N ILE A 46 12.72 -14.75 2.20
CA ILE A 46 12.22 -13.68 3.05
C ILE A 46 13.20 -13.52 4.23
N PRO A 47 13.68 -12.29 4.51
CA PRO A 47 14.59 -12.14 5.64
C PRO A 47 13.99 -12.69 6.92
N ASP A 48 14.80 -13.29 7.76
CA ASP A 48 14.27 -13.96 8.95
C ASP A 48 13.57 -12.98 9.89
N ASP A 49 14.01 -11.72 9.91
CA ASP A 49 13.31 -10.73 10.76
C ASP A 49 11.88 -10.44 10.30
N LEU A 50 11.61 -10.64 9.02
CA LEU A 50 10.29 -10.38 8.43
C LEU A 50 9.39 -11.59 8.39
N LYS A 51 9.95 -12.79 8.47
CA LYS A 51 9.14 -14.01 8.41
C LYS A 51 7.92 -14.03 9.36
N PRO A 52 8.07 -13.51 10.60
CA PRO A 52 6.89 -13.53 11.49
C PRO A 52 5.71 -12.63 11.08
N TYR A 53 5.96 -11.76 10.11
CA TYR A 53 5.04 -10.73 9.69
C TYR A 53 4.67 -10.81 8.21
N THR A 54 5.04 -11.91 7.56
N THR A 54 5.09 -11.88 7.54
CA THR A 54 4.84 -12.09 6.14
CA THR A 54 4.81 -12.08 6.13
C THR A 54 4.08 -13.38 5.89
C THR A 54 4.02 -13.36 5.93
N VAL A 55 3.10 -13.34 4.97
CA VAL A 55 2.33 -14.53 4.64
C VAL A 55 2.28 -14.67 3.13
N ILE A 56 2.46 -15.88 2.65
CA ILE A 56 2.39 -16.17 1.21
C ILE A 56 0.91 -16.12 0.78
N GLN A 57 0.57 -15.29 -0.20
CA GLN A 57 -0.77 -15.19 -0.75
C GLN A 57 -0.81 -15.82 -2.13
N LEU A 58 -1.43 -16.99 -2.23
CA LEU A 58 -1.58 -17.66 -3.52
C LEU A 58 -2.75 -17.03 -4.26
N HIS A 59 -2.58 -16.86 -5.58
CA HIS A 59 -3.60 -16.27 -6.44
C HIS A 59 -3.73 -17.18 -7.65
N PRO A 60 -4.97 -17.45 -8.10
CA PRO A 60 -5.17 -18.45 -9.18
C PRO A 60 -4.94 -17.93 -10.60
N ASP A 61 -4.76 -16.61 -10.73
CA ASP A 61 -4.45 -15.94 -11.98
C ASP A 61 -5.19 -16.57 -13.16
N ASP A 62 -4.44 -17.14 -14.12
CA ASP A 62 -5.03 -17.68 -15.35
C ASP A 62 -5.13 -19.19 -15.36
N LEU A 63 -5.31 -19.80 -14.19
CA LEU A 63 -5.64 -21.22 -14.18
C LEU A 63 -6.89 -21.45 -15.03
N PRO A 64 -7.01 -22.64 -15.62
CA PRO A 64 -8.18 -22.87 -16.48
C PRO A 64 -9.50 -22.69 -15.73
N LYS A 65 -10.48 -22.09 -16.41
N LYS A 65 -10.47 -22.09 -16.43
CA LYS A 65 -11.78 -21.78 -15.84
CA LYS A 65 -11.77 -21.77 -15.86
C LYS A 65 -12.70 -22.98 -15.92
C LYS A 65 -12.71 -22.95 -15.95
N ARG A 66 -12.41 -23.97 -15.06
N ARG A 66 -12.47 -23.93 -15.08
CA ARG A 66 -13.19 -25.20 -15.03
CA ARG A 66 -13.36 -25.07 -15.01
C ARG A 66 -13.10 -25.75 -13.62
C ARG A 66 -13.13 -25.73 -13.65
N ASP A 67 -14.06 -26.58 -13.26
CA ASP A 67 -14.06 -27.16 -11.93
C ASP A 67 -12.81 -27.97 -11.70
N GLY A 68 -12.26 -27.85 -10.50
CA GLY A 68 -11.12 -28.65 -10.07
C GLY A 68 -9.75 -28.02 -10.28
N ALA A 69 -9.59 -27.08 -11.20
CA ALA A 69 -8.26 -26.56 -11.50
C ALA A 69 -7.68 -25.84 -10.30
N ALA A 70 -8.45 -24.92 -9.72
CA ALA A 70 -7.95 -24.16 -8.59
C ALA A 70 -7.78 -25.05 -7.35
N ARG A 71 -8.70 -26.00 -7.12
CA ARG A 71 -8.55 -26.90 -5.99
C ARG A 71 -7.24 -27.70 -6.12
N ASP A 72 -6.98 -28.20 -7.33
CA ASP A 72 -5.81 -29.04 -7.59
C ASP A 72 -4.54 -28.22 -7.30
N PHE A 73 -4.46 -27.05 -7.89
CA PHE A 73 -3.28 -26.20 -7.73
C PHE A 73 -3.10 -25.81 -6.26
N TYR A 74 -4.17 -25.34 -5.64
CA TYR A 74 -4.08 -24.94 -4.25
C TYR A 74 -3.73 -26.08 -3.27
N GLU A 75 -4.34 -27.24 -3.44
N GLU A 75 -4.32 -27.25 -3.44
CA GLU A 75 -4.00 -28.41 -2.61
CA GLU A 75 -3.98 -28.37 -2.57
C GLU A 75 -2.52 -28.75 -2.75
C GLU A 75 -2.52 -28.78 -2.75
N HIS A 76 -2.02 -28.71 -3.98
CA HIS A 76 -0.61 -29.00 -4.26
C HIS A 76 0.30 -28.05 -3.47
N MET A 77 -0.02 -26.77 -3.52
CA MET A 77 0.77 -25.75 -2.83
C MET A 77 0.60 -25.73 -1.32
N LEU A 78 -0.60 -26.03 -0.83
CA LEU A 78 -0.80 -26.17 0.62
C LEU A 78 0.04 -27.33 1.16
N GLU A 79 0.14 -28.40 0.39
CA GLU A 79 0.97 -29.54 0.75
C GLU A 79 2.44 -29.13 0.82
N GLU A 80 2.92 -28.44 -0.21
CA GLU A 80 4.30 -27.93 -0.21
C GLU A 80 4.54 -27.04 1.02
N ALA A 81 3.63 -26.11 1.31
CA ALA A 81 3.75 -25.23 2.45
C ALA A 81 3.76 -26.00 3.77
N ALA A 82 2.86 -26.97 3.88
CA ALA A 82 2.74 -27.77 5.12
C ALA A 82 3.96 -28.59 5.43
N LYS A 83 4.62 -29.10 4.39
CA LYS A 83 5.68 -30.10 4.56
C LYS A 83 7.06 -29.48 4.60
N TYR A 84 7.11 -28.14 4.51
CA TYR A 84 8.39 -27.45 4.42
C TYR A 84 9.28 -27.77 5.61
N VAL A 85 10.53 -28.12 5.33
CA VAL A 85 11.55 -28.38 6.37
C VAL A 85 12.64 -27.31 6.27
N ASN A 86 12.89 -26.61 7.37
CA ASN A 86 13.96 -25.63 7.44
C ASN A 86 15.31 -26.36 7.36
N PRO A 87 16.10 -26.11 6.29
CA PRO A 87 17.33 -26.90 6.11
C PRO A 87 18.43 -26.62 7.15
N LYS A 88 18.38 -25.46 7.80
CA LYS A 88 19.31 -25.11 8.88
C LYS A 88 19.08 -25.99 10.11
N THR A 89 17.81 -26.18 10.49
CA THR A 89 17.48 -26.87 11.74
C THR A 89 16.91 -28.28 11.57
N GLY A 90 16.51 -28.63 10.35
CA GLY A 90 15.88 -29.93 10.08
C GLY A 90 14.43 -30.04 10.57
N LYS A 91 13.86 -28.95 11.06
CA LYS A 91 12.52 -28.98 11.64
C LYS A 91 11.45 -28.66 10.59
N ASN A 92 10.35 -29.40 10.62
CA ASN A 92 9.17 -29.04 9.82
C ASN A 92 8.62 -27.71 10.33
N GLU A 93 8.58 -26.71 9.44
CA GLU A 93 8.15 -25.37 9.77
C GLU A 93 7.12 -24.91 8.72
N PRO A 94 5.88 -25.35 8.90
CA PRO A 94 4.83 -25.05 7.93
C PRO A 94 4.76 -23.58 7.58
N ILE A 95 4.73 -23.31 6.28
CA ILE A 95 4.76 -21.95 5.75
C ILE A 95 3.34 -21.36 5.79
N PRO A 96 3.19 -20.16 6.36
CA PRO A 96 1.86 -19.57 6.45
C PRO A 96 1.33 -19.10 5.09
N VAL A 97 0.07 -19.41 4.84
CA VAL A 97 -0.58 -19.17 3.56
C VAL A 97 -1.93 -18.46 3.71
N ILE A 98 -2.20 -17.58 2.75
CA ILE A 98 -3.52 -17.05 2.47
C ILE A 98 -3.91 -17.47 1.05
N LEU A 99 -5.14 -17.94 0.86
CA LEU A 99 -5.65 -18.30 -0.46
C LEU A 99 -6.56 -17.21 -1.01
N THR A 100 -6.36 -16.84 -2.27
CA THR A 100 -7.29 -15.94 -2.97
C THR A 100 -8.49 -16.78 -3.40
N VAL A 101 -9.66 -16.51 -2.82
CA VAL A 101 -10.82 -17.34 -3.04
C VAL A 101 -11.94 -16.65 -3.86
N TYR A 102 -11.86 -15.33 -4.01
CA TYR A 102 -12.91 -14.60 -4.69
C TYR A 102 -12.28 -13.41 -5.42
N THR A 103 -12.64 -13.27 -6.70
CA THR A 103 -12.15 -12.15 -7.51
C THR A 103 -13.02 -12.03 -8.73
N ALA A 104 -13.18 -10.81 -9.24
CA ALA A 104 -13.98 -10.60 -10.46
C ALA A 104 -15.36 -11.22 -10.34
N GLY A 105 -15.95 -11.07 -9.15
CA GLY A 105 -17.30 -11.57 -8.88
C GLY A 105 -17.43 -13.08 -8.92
N ASN A 106 -16.27 -13.76 -8.94
CA ASN A 106 -16.20 -15.21 -9.15
C ASN A 106 -17.03 -15.69 -10.33
N MET A 107 -17.11 -14.88 -11.38
CA MET A 107 -17.80 -15.31 -12.57
C MET A 107 -17.00 -16.44 -13.25
N PRO A 108 -17.71 -17.46 -13.75
CA PRO A 108 -17.01 -18.58 -14.38
C PRO A 108 -16.30 -18.20 -15.68
N TYR A 109 -16.67 -17.06 -16.26
CA TYR A 109 -15.98 -16.52 -17.42
C TYR A 109 -14.77 -15.67 -17.07
N TYR A 110 -14.56 -15.38 -15.78
CA TYR A 110 -13.40 -14.59 -15.36
C TYR A 110 -12.36 -15.31 -14.52
N THR A 111 -12.74 -16.31 -13.72
CA THR A 111 -11.77 -16.90 -12.82
C THR A 111 -12.06 -18.33 -12.42
N SER A 112 -10.98 -19.11 -12.33
CA SER A 112 -10.99 -20.47 -11.78
C SER A 112 -11.44 -20.50 -10.32
N ALA A 113 -11.36 -19.36 -9.63
CA ALA A 113 -11.79 -19.29 -8.24
C ALA A 113 -13.27 -19.56 -8.08
N HIS A 114 -14.03 -19.42 -9.15
CA HIS A 114 -15.45 -19.76 -9.10
C HIS A 114 -15.71 -21.12 -8.45
N TRP A 115 -14.83 -22.08 -8.75
CA TRP A 115 -15.01 -23.47 -8.34
C TRP A 115 -14.22 -23.80 -7.06
N LEU A 116 -14.30 -22.89 -6.10
CA LEU A 116 -13.78 -23.08 -4.74
C LEU A 116 -14.95 -22.89 -3.79
N SER A 117 -15.57 -23.99 -3.37
CA SER A 117 -16.74 -23.91 -2.51
C SER A 117 -16.36 -23.53 -1.07
N THR A 118 -17.33 -22.97 -0.35
CA THR A 118 -17.15 -22.68 1.05
C THR A 118 -16.87 -23.98 1.84
N SER A 119 -17.51 -25.07 1.46
N SER A 119 -17.48 -25.09 1.46
CA SER A 119 -17.24 -26.40 2.00
CA SER A 119 -17.16 -26.38 2.10
C SER A 119 -15.75 -26.78 1.88
C SER A 119 -15.71 -26.78 1.90
N TRP A 120 -15.19 -26.56 0.70
CA TRP A 120 -13.78 -26.85 0.44
C TRP A 120 -12.88 -25.96 1.30
N ILE A 121 -13.22 -24.68 1.41
CA ILE A 121 -12.42 -23.77 2.22
C ILE A 121 -12.40 -24.23 3.68
N ASP A 122 -13.55 -24.63 4.21
CA ASP A 122 -13.64 -25.14 5.58
C ASP A 122 -12.74 -26.38 5.72
N LYS A 123 -12.80 -27.28 4.75
CA LYS A 123 -11.97 -28.47 4.74
C LYS A 123 -10.49 -28.10 4.78
N MET A 124 -10.10 -27.10 4.00
CA MET A 124 -8.71 -26.68 3.95
C MET A 124 -8.25 -26.06 5.27
N TYR A 125 -9.09 -25.20 5.87
CA TYR A 125 -8.75 -24.65 7.17
C TYR A 125 -8.52 -25.79 8.19
N GLN A 126 -9.39 -26.80 8.16
CA GLN A 126 -9.30 -27.88 9.14
C GLN A 126 -8.08 -28.77 8.89
N LYS A 127 -7.68 -28.92 7.64
CA LYS A 127 -6.54 -29.77 7.30
C LYS A 127 -5.19 -29.07 7.50
N TYR A 128 -5.15 -27.76 7.30
CA TYR A 128 -3.91 -26.98 7.28
C TYR A 128 -3.90 -25.88 8.33
N PRO A 129 -3.23 -26.13 9.48
CA PRO A 129 -3.14 -25.06 10.49
C PRO A 129 -2.41 -23.83 9.98
N ASN A 130 -1.60 -24.02 8.95
CA ASN A 130 -0.79 -22.95 8.33
C ASN A 130 -1.60 -22.09 7.35
N LEU A 131 -2.84 -22.49 7.05
CA LEU A 131 -3.77 -21.62 6.31
C LEU A 131 -4.33 -20.58 7.27
N HIS A 132 -3.81 -19.36 7.17
CA HIS A 132 -4.18 -18.31 8.13
C HIS A 132 -5.32 -17.40 7.67
N GLY A 133 -5.67 -17.47 6.40
CA GLY A 133 -6.74 -16.64 5.91
C GLY A 133 -7.08 -16.85 4.45
N ILE A 134 -8.13 -16.16 4.01
CA ILE A 134 -8.64 -16.22 2.64
C ILE A 134 -8.88 -14.79 2.16
N PHE A 135 -8.76 -14.57 0.86
CA PHE A 135 -8.65 -13.22 0.29
C PHE A 135 -9.66 -13.07 -0.86
N SER A 136 -10.38 -11.96 -0.83
CA SER A 136 -11.24 -11.52 -1.90
C SER A 136 -10.64 -10.24 -2.43
N THR A 137 -10.48 -10.13 -3.75
CA THR A 137 -9.86 -8.96 -4.34
C THR A 137 -10.52 -8.55 -5.67
N GLU A 138 -10.92 -7.28 -5.72
CA GLU A 138 -11.33 -6.63 -6.95
C GLU A 138 -12.57 -7.22 -7.65
N SER A 139 -13.73 -6.85 -7.13
CA SER A 139 -15.00 -7.10 -7.78
C SER A 139 -15.86 -5.85 -7.99
N TYR A 140 -15.32 -4.66 -7.74
N TYR A 140 -15.34 -4.65 -7.72
CA TYR A 140 -16.10 -3.43 -7.87
CA TYR A 140 -16.17 -3.43 -7.84
C TYR A 140 -16.76 -3.27 -9.23
C TYR A 140 -16.80 -3.33 -9.24
N TRP A 141 -16.11 -3.80 -10.27
CA TRP A 141 -16.59 -3.70 -11.66
C TRP A 141 -17.52 -4.81 -12.11
N ILE A 142 -17.68 -5.81 -11.26
CA ILE A 142 -18.55 -6.95 -11.54
C ILE A 142 -19.16 -7.39 -10.20
N TRP A 143 -20.12 -6.59 -9.78
CA TRP A 143 -20.68 -6.70 -8.44
C TRP A 143 -21.77 -7.75 -8.46
N ALA A 144 -21.35 -9.00 -8.30
CA ALA A 144 -22.22 -10.17 -8.42
C ALA A 144 -23.44 -10.07 -7.50
N ASN A 145 -24.57 -10.63 -7.95
N ASN A 145 -24.55 -10.66 -7.96
CA ASN A 145 -25.81 -10.45 -7.19
CA ASN A 145 -25.83 -10.58 -7.25
C ASN A 145 -25.79 -11.05 -5.78
C ASN A 145 -25.84 -11.13 -5.83
N ASP A 146 -24.88 -11.99 -5.54
CA ASP A 146 -24.72 -12.64 -4.22
C ASP A 146 -23.39 -12.31 -3.54
N ILE A 147 -22.71 -11.25 -3.99
CA ILE A 147 -21.37 -10.95 -3.47
C ILE A 147 -21.37 -10.75 -1.94
N GLU A 148 -22.37 -10.03 -1.43
CA GLU A 148 -22.49 -9.78 0.01
C GLU A 148 -22.76 -11.06 0.80
N ASN A 149 -23.66 -11.88 0.29
CA ASN A 149 -23.96 -13.15 0.91
C ASN A 149 -22.70 -14.04 0.96
N LYS A 150 -21.96 -14.09 -0.14
CA LYS A 150 -20.74 -14.89 -0.15
C LYS A 150 -19.68 -14.34 0.77
N ALA A 151 -19.59 -13.00 0.87
CA ALA A 151 -18.62 -12.38 1.77
C ALA A 151 -18.94 -12.73 3.23
N ALA A 152 -20.22 -12.77 3.58
CA ALA A 152 -20.65 -13.22 4.90
C ALA A 152 -20.18 -14.64 5.17
N ASP A 153 -20.37 -15.53 4.19
CA ASP A 153 -19.95 -16.89 4.34
C ASP A 153 -18.43 -17.02 4.47
N TYR A 154 -17.68 -16.20 3.72
CA TYR A 154 -16.21 -16.21 3.85
C TYR A 154 -15.76 -15.74 5.21
N LEU A 155 -16.42 -14.71 5.73
CA LEU A 155 -16.05 -14.22 7.05
C LEU A 155 -16.39 -15.25 8.12
N LYS A 156 -17.57 -15.87 8.02
CA LYS A 156 -18.01 -16.84 9.00
C LYS A 156 -17.11 -18.08 9.01
N VAL A 157 -16.79 -18.62 7.84
CA VAL A 157 -15.93 -19.81 7.79
C VAL A 157 -14.55 -19.48 8.32
N SER A 158 -14.09 -18.26 8.11
CA SER A 158 -12.81 -17.84 8.67
C SER A 158 -12.89 -17.75 10.20
N ALA A 159 -13.92 -17.09 10.71
CA ALA A 159 -14.11 -16.99 12.16
C ALA A 159 -14.23 -18.37 12.82
N LYS A 160 -14.92 -19.29 12.15
CA LYS A 160 -15.15 -20.65 12.66
C LYS A 160 -13.82 -21.36 12.92
N ASN A 161 -12.81 -21.00 12.11
CA ASN A 161 -11.52 -21.66 12.11
C ASN A 161 -10.38 -20.82 12.68
N GLY A 162 -10.69 -19.63 13.15
CA GLY A 162 -9.65 -18.73 13.67
C GLY A 162 -8.82 -18.03 12.62
N GLY A 163 -9.26 -18.08 11.36
CA GLY A 163 -8.57 -17.41 10.28
C GLY A 163 -9.14 -16.05 10.01
N TYR A 164 -8.52 -15.34 9.08
CA TYR A 164 -9.00 -14.03 8.66
C TYR A 164 -9.59 -14.06 7.26
N PHE A 165 -10.70 -13.34 7.08
CA PHE A 165 -11.16 -12.97 5.75
C PHE A 165 -10.63 -11.59 5.46
N ILE A 166 -9.94 -11.46 4.34
CA ILE A 166 -9.30 -10.22 3.91
C ILE A 166 -9.94 -9.84 2.58
N TRP A 167 -10.46 -8.62 2.49
CA TRP A 167 -11.15 -8.13 1.30
C TRP A 167 -10.48 -6.82 0.87
N ALA A 168 -9.92 -6.81 -0.34
CA ALA A 168 -9.31 -5.64 -0.98
C ALA A 168 -10.28 -5.18 -2.06
N GLU A 169 -10.75 -3.97 -1.94
CA GLU A 169 -11.79 -3.43 -2.81
C GLU A 169 -11.68 -1.92 -2.85
N GLN A 170 -12.14 -1.33 -3.94
CA GLN A 170 -12.15 0.10 -4.11
C GLN A 170 -13.56 0.59 -4.27
N ASN A 171 -13.82 1.81 -3.78
CA ASN A 171 -15.16 2.38 -3.83
C ASN A 171 -15.50 2.95 -5.19
N VAL A 172 -15.51 2.09 -6.19
CA VAL A 172 -15.99 2.41 -7.53
C VAL A 172 -17.44 1.89 -7.60
N GLY A 173 -18.34 2.69 -8.14
CA GLY A 173 -19.73 2.29 -8.18
C GLY A 173 -20.33 1.97 -6.82
N SER A 174 -19.90 2.71 -5.80
CA SER A 174 -20.38 2.52 -4.42
C SER A 174 -20.03 1.18 -3.79
N ALA A 175 -19.00 0.49 -4.28
CA ALA A 175 -18.71 -0.87 -3.82
C ALA A 175 -18.68 -1.04 -2.31
N ILE A 176 -17.94 -0.17 -1.60
CA ILE A 176 -17.78 -0.36 -0.16
C ILE A 176 -19.12 -0.12 0.54
N GLU A 177 -19.89 0.84 0.02
CA GLU A 177 -21.20 1.16 0.60
C GLU A 177 -22.20 0.00 0.40
N LYS A 178 -22.21 -0.57 -0.80
CA LYS A 178 -23.01 -1.74 -1.09
C LYS A 178 -22.60 -2.95 -0.25
N ALA A 179 -21.31 -3.13 -0.02
CA ALA A 179 -20.86 -4.27 0.78
C ALA A 179 -21.50 -4.29 2.16
N PHE A 180 -21.73 -3.10 2.72
CA PHE A 180 -22.34 -3.00 4.05
C PHE A 180 -23.85 -2.78 4.03
N GLY A 181 -24.47 -2.83 2.86
CA GLY A 181 -25.92 -2.92 2.73
C GLY A 181 -26.64 -1.73 2.14
N LYS A 182 -25.92 -0.80 1.50
CA LYS A 182 -26.54 0.39 0.93
C LYS A 182 -27.78 0.07 0.10
N ASN A 183 -27.68 -0.93 -0.76
CA ASN A 183 -28.77 -1.28 -1.68
C ASN A 183 -29.64 -2.44 -1.18
N GLY A 184 -29.53 -2.75 0.11
CA GLY A 184 -30.44 -3.68 0.75
C GLY A 184 -29.90 -5.08 0.95
N LYS A 185 -28.69 -5.36 0.48
CA LYS A 185 -28.03 -6.65 0.68
C LYS A 185 -27.22 -6.56 1.97
N ILE A 186 -27.82 -6.98 3.06
CA ILE A 186 -27.28 -6.74 4.40
C ILE A 186 -26.56 -7.95 5.04
N ALA A 187 -26.39 -9.04 4.31
CA ALA A 187 -25.83 -10.23 4.94
C ALA A 187 -24.42 -10.02 5.49
N PHE A 188 -23.61 -9.28 4.76
CA PHE A 188 -22.24 -9.01 5.19
C PHE A 188 -22.25 -8.02 6.38
N GLN A 189 -23.10 -7.00 6.34
CA GLN A 189 -23.29 -6.13 7.50
C GLN A 189 -23.56 -6.95 8.75
N LYS A 190 -24.49 -7.89 8.65
CA LYS A 190 -24.85 -8.70 9.82
C LYS A 190 -23.72 -9.62 10.24
N SER A 191 -23.00 -10.16 9.26
CA SER A 191 -21.88 -11.03 9.55
C SER A 191 -20.79 -10.25 10.35
N VAL A 192 -20.51 -9.04 9.88
CA VAL A 192 -19.50 -8.19 10.51
C VAL A 192 -19.91 -7.81 11.95
N ASP A 193 -21.20 -7.61 12.19
CA ASP A 193 -21.63 -7.35 13.56
C ASP A 193 -21.14 -8.44 14.52
N LYS A 194 -21.11 -9.68 14.03
N LYS A 194 -21.09 -9.68 14.05
CA LYS A 194 -20.70 -10.83 14.82
CA LYS A 194 -20.66 -10.78 14.89
C LYS A 194 -19.19 -11.09 14.76
C LYS A 194 -19.16 -11.09 14.78
N TYR A 195 -18.63 -10.98 13.56
CA TYR A 195 -17.31 -11.57 13.24
C TYR A 195 -16.23 -10.57 12.84
N TRP A 196 -16.45 -9.29 13.14
CA TRP A 196 -15.52 -8.26 12.72
C TRP A 196 -14.06 -8.48 13.15
N LYS A 197 -13.85 -9.17 14.26
N LYS A 197 -13.83 -9.17 14.26
CA LYS A 197 -12.51 -9.44 14.76
CA LYS A 197 -12.48 -9.38 14.71
C LYS A 197 -11.70 -10.33 13.80
C LYS A 197 -11.69 -10.33 13.79
N ASN A 198 -12.39 -10.97 12.85
CA ASN A 198 -11.72 -11.85 11.86
C ASN A 198 -11.71 -11.25 10.46
N LEU A 199 -12.07 -9.97 10.33
CA LEU A 199 -12.07 -9.26 9.05
C LEU A 199 -10.90 -8.29 8.94
N ILE A 200 -10.30 -8.26 7.75
CA ILE A 200 -9.32 -7.24 7.36
C ILE A 200 -9.88 -6.64 6.07
N PHE A 201 -10.02 -5.31 6.04
CA PHE A 201 -10.52 -4.60 4.87
C PHE A 201 -9.42 -3.69 4.35
N MET A 202 -9.16 -3.80 3.05
CA MET A 202 -8.10 -3.06 2.38
C MET A 202 -8.64 -2.31 1.19
N PHE A 203 -8.04 -1.14 0.89
CA PHE A 203 -8.26 -0.52 -0.41
C PHE A 203 -7.51 -1.29 -1.49
N LYS A 204 -7.87 -1.03 -2.74
CA LYS A 204 -7.17 -1.58 -3.90
C LYS A 204 -7.11 -0.48 -4.93
N ASN A 205 -5.95 0.18 -5.06
CA ASN A 205 -5.91 1.47 -5.72
C ASN A 205 -5.73 1.43 -7.24
N THR A 206 -5.77 0.23 -7.80
CA THR A 206 -5.70 -0.01 -9.26
C THR A 206 -6.52 0.92 -10.15
N PRO A 207 -7.84 1.14 -9.87
CA PRO A 207 -8.66 1.89 -10.83
C PRO A 207 -8.49 3.40 -10.71
N ALA A 208 -7.25 3.83 -10.92
CA ALA A 208 -6.83 5.18 -10.60
C ALA A 208 -7.54 6.27 -11.40
N ALA A 209 -7.99 5.97 -12.63
CA ALA A 209 -8.71 6.97 -13.42
C ALA A 209 -10.05 7.36 -12.80
N GLU A 210 -10.59 6.51 -11.92
N GLU A 210 -10.60 6.49 -11.94
CA GLU A 210 -11.85 6.81 -11.26
CA GLU A 210 -11.84 6.78 -11.22
C GLU A 210 -11.66 7.66 -9.99
C GLU A 210 -11.64 7.73 -10.05
N GLY A 211 -10.41 7.81 -9.53
CA GLY A 211 -10.09 8.80 -8.50
C GLY A 211 -10.60 8.53 -7.10
N ASN A 212 -10.87 7.27 -6.75
CA ASN A 212 -11.52 6.95 -5.44
C ASN A 212 -10.51 6.59 -4.33
N ASP A 213 -9.26 6.96 -4.51
CA ASP A 213 -8.22 6.64 -3.53
C ASP A 213 -8.54 7.20 -2.15
N SER A 214 -8.80 8.50 -2.10
CA SER A 214 -8.95 9.19 -0.82
C SER A 214 -10.23 8.73 -0.09
N THR A 215 -11.32 8.56 -0.83
CA THR A 215 -12.57 8.16 -0.22
C THR A 215 -12.54 6.71 0.23
N THR A 216 -11.94 5.81 -0.56
CA THR A 216 -11.79 4.44 -0.12
C THR A 216 -10.94 4.33 1.15
N GLU A 217 -9.81 5.03 1.16
CA GLU A 217 -8.93 4.98 2.31
C GLU A 217 -9.65 5.55 3.54
N SER A 218 -10.42 6.62 3.34
CA SER A 218 -11.23 7.19 4.41
C SER A 218 -12.18 6.15 5.00
N TYR A 219 -12.86 5.40 4.15
CA TYR A 219 -13.72 4.32 4.62
C TYR A 219 -12.96 3.22 5.37
N MET A 220 -11.81 2.79 4.84
CA MET A 220 -11.08 1.71 5.51
C MET A 220 -10.74 2.12 6.93
N LYS A 221 -10.24 3.35 7.08
CA LYS A 221 -9.91 3.89 8.37
C LYS A 221 -11.13 3.99 9.28
N GLY A 222 -12.24 4.53 8.76
CA GLY A 222 -13.44 4.69 9.59
C GLY A 222 -14.10 3.39 9.98
N LEU A 223 -14.10 2.43 9.06
CA LEU A 223 -14.61 1.10 9.37
C LEU A 223 -13.82 0.49 10.53
N TRP A 224 -12.50 0.66 10.52
CA TRP A 224 -11.63 0.18 11.58
C TRP A 224 -11.92 0.88 12.91
N LEU A 225 -11.99 2.21 12.88
CA LEU A 225 -12.17 2.95 14.12
C LEU A 225 -13.53 2.66 14.77
N SER A 226 -14.48 2.26 13.96
CA SER A 226 -15.85 1.97 14.43
C SER A 226 -16.13 0.47 14.61
N ASN A 227 -15.07 -0.33 14.66
CA ASN A 227 -15.16 -1.77 14.92
C ASN A 227 -16.00 -2.52 13.89
N HIS A 228 -15.92 -2.09 12.64
CA HIS A 228 -16.46 -2.86 11.53
C HIS A 228 -15.38 -3.64 10.75
N THR A 229 -14.13 -3.55 11.18
CA THR A 229 -13.05 -4.42 10.67
C THR A 229 -11.98 -4.48 11.75
N TYR A 230 -11.32 -5.62 11.88
CA TYR A 230 -10.32 -5.79 12.93
C TYR A 230 -9.11 -4.89 12.68
N GLN A 231 -8.67 -4.86 11.43
CA GLN A 231 -7.60 -3.98 11.00
C GLN A 231 -7.86 -3.64 9.56
N TRP A 232 -7.09 -2.68 9.05
CA TRP A 232 -7.19 -2.30 7.66
C TRP A 232 -5.82 -2.11 7.01
N GLY A 233 -5.84 -1.98 5.69
CA GLY A 233 -4.63 -1.64 4.96
C GLY A 233 -4.93 -1.35 3.54
N GLY A 234 -3.95 -1.61 2.66
CA GLY A 234 -4.08 -1.27 1.26
C GLY A 234 -3.25 -2.13 0.34
N LEU A 235 -3.79 -2.36 -0.85
CA LEU A 235 -3.08 -2.94 -1.96
C LEU A 235 -2.77 -1.80 -2.91
N MET A 236 -1.48 -1.53 -3.07
CA MET A 236 -0.97 -0.42 -3.87
C MET A 236 -0.42 -0.99 -5.16
N ASP A 237 -0.85 -0.43 -6.28
CA ASP A 237 -0.73 -1.11 -7.58
C ASP A 237 -0.09 -0.22 -8.64
N THR A 238 1.05 -0.68 -9.16
CA THR A 238 1.76 0.04 -10.18
C THR A 238 1.00 0.08 -11.52
N TRP A 239 -0.02 -0.77 -11.69
CA TRP A 239 -0.93 -0.64 -12.81
C TRP A 239 -1.68 0.69 -12.84
N LYS A 240 -1.66 1.44 -11.75
CA LYS A 240 -2.26 2.77 -11.79
C LYS A 240 -1.71 3.64 -12.92
N TRP A 241 -0.44 3.43 -13.27
CA TRP A 241 0.23 4.21 -14.32
C TRP A 241 -0.38 3.92 -15.71
N TYR A 242 -0.80 2.66 -15.89
CA TYR A 242 -1.56 2.24 -17.06
C TYR A 242 -2.95 2.84 -17.07
N GLU A 243 -3.64 2.72 -15.94
CA GLU A 243 -5.04 3.16 -15.86
C GLU A 243 -5.16 4.67 -16.15
N THR A 244 -4.15 5.44 -15.77
CA THR A 244 -4.19 6.89 -15.95
C THR A 244 -3.50 7.35 -17.25
N GLY A 245 -2.99 6.41 -18.05
CA GLY A 245 -2.48 6.76 -19.37
C GLY A 245 -1.13 7.43 -19.41
N LYS A 246 -0.34 7.27 -18.35
CA LYS A 246 0.98 7.87 -18.31
C LYS A 246 2.00 7.01 -19.09
N TRP A 247 3.11 7.64 -19.47
CA TRP A 247 4.15 6.89 -20.14
C TRP A 247 5.51 7.22 -19.51
N LYS A 248 6.48 7.64 -20.29
CA LYS A 248 7.80 7.98 -19.81
C LYS A 248 7.73 9.00 -18.68
N LEU A 249 8.55 8.82 -17.67
CA LEU A 249 8.51 9.72 -16.51
C LEU A 249 8.69 11.17 -16.93
N PHE A 250 7.76 12.02 -16.49
CA PHE A 250 7.73 13.46 -16.74
C PHE A 250 7.38 13.89 -18.17
N ALA A 251 7.22 12.93 -19.08
CA ALA A 251 6.91 13.26 -20.45
C ALA A 251 5.51 13.86 -20.59
N SER A 252 5.34 14.66 -21.63
CA SER A 252 4.08 15.28 -21.98
C SER A 252 3.15 14.33 -22.72
N GLY A 253 1.85 14.52 -22.56
CA GLY A 253 0.87 13.75 -23.32
C GLY A 253 0.42 12.49 -22.61
N ASN A 254 -0.72 11.99 -23.04
CA ASN A 254 -1.36 10.84 -22.43
C ASN A 254 -1.55 9.78 -23.51
N ILE A 255 -1.15 8.55 -23.23
CA ILE A 255 -1.23 7.45 -24.20
C ILE A 255 -2.44 6.53 -23.95
N GLY A 256 -3.23 6.84 -22.92
CA GLY A 256 -4.32 5.97 -22.54
C GLY A 256 -3.84 4.60 -22.10
N LYS A 257 -4.78 3.65 -22.11
CA LYS A 257 -4.51 2.31 -21.59
C LYS A 257 -4.00 1.42 -22.72
N SER A 258 -2.81 1.78 -23.23
CA SER A 258 -2.35 1.27 -24.52
C SER A 258 -1.05 0.47 -24.48
N GLN A 259 -0.32 0.56 -23.37
CA GLN A 259 1.00 -0.02 -23.24
C GLN A 259 1.18 -0.64 -21.87
N GLY A 260 0.26 -1.51 -21.52
CA GLY A 260 0.13 -1.93 -20.12
C GLY A 260 1.41 -2.43 -19.48
N ASP A 261 2.14 -3.29 -20.18
CA ASP A 261 3.26 -3.95 -19.56
C ASP A 261 4.51 -3.07 -19.48
N ARG A 262 4.59 -2.03 -20.31
CA ARG A 262 5.56 -0.95 -20.08
C ARG A 262 5.09 -0.05 -18.94
N GLN A 263 3.81 0.22 -18.91
CA GLN A 263 3.25 1.17 -17.95
C GLN A 263 3.35 0.71 -16.49
N TRP A 264 3.09 -0.57 -16.20
CA TRP A 264 3.16 -1.03 -14.80
C TRP A 264 4.57 -1.12 -14.26
N LEU A 265 5.58 -0.96 -15.10
CA LEU A 265 6.98 -0.89 -14.68
C LEU A 265 7.43 0.54 -14.36
N THR A 266 6.67 1.55 -14.78
CA THR A 266 7.19 2.93 -14.82
C THR A 266 7.02 3.75 -13.53
N GLU A 267 6.06 3.41 -12.68
CA GLU A 267 5.87 4.18 -11.45
C GLU A 267 7.19 4.21 -10.66
N PRO A 268 7.65 5.40 -10.26
CA PRO A 268 8.87 5.48 -9.43
C PRO A 268 8.80 4.61 -8.18
N GLU A 269 9.89 3.91 -7.89
CA GLU A 269 9.94 2.98 -6.78
C GLU A 269 9.55 3.64 -5.47
N SER A 270 10.16 4.79 -5.17
CA SER A 270 9.91 5.46 -3.91
C SER A 270 8.47 5.94 -3.77
N MET A 271 7.76 6.13 -4.89
CA MET A 271 6.33 6.51 -4.80
C MET A 271 5.49 5.44 -4.10
N LEU A 272 5.89 4.18 -4.17
CA LEU A 272 5.18 3.12 -3.44
C LEU A 272 5.28 3.35 -1.94
N GLY A 273 6.44 3.81 -1.47
CA GLY A 273 6.61 4.21 -0.08
C GLY A 273 5.74 5.39 0.31
N GLU A 274 5.61 6.36 -0.57
CA GLU A 274 4.72 7.50 -0.32
C GLU A 274 3.26 7.02 -0.15
N GLU A 275 2.81 6.12 -1.01
CA GLU A 275 1.48 5.53 -0.88
C GLU A 275 1.36 4.77 0.43
N ALA A 276 2.36 3.96 0.76
CA ALA A 276 2.31 3.14 1.96
C ALA A 276 2.28 3.99 3.23
N LEU A 277 2.91 5.16 3.21
CA LEU A 277 2.82 6.05 4.38
C LEU A 277 1.39 6.41 4.75
N GLY A 278 0.51 6.52 3.75
CA GLY A 278 -0.88 6.85 4.03
C GLY A 278 -1.57 5.75 4.81
N VAL A 279 -1.13 4.51 4.61
CA VAL A 279 -1.63 3.39 5.43
C VAL A 279 -1.09 3.50 6.86
N TYR A 280 0.23 3.52 6.97
CA TYR A 280 0.90 3.57 8.27
C TYR A 280 0.48 4.72 9.15
N LEU A 281 0.50 5.93 8.59
CA LEU A 281 0.26 7.14 9.39
C LEU A 281 -1.15 7.24 9.91
N ASN A 282 -2.03 6.37 9.41
CA ASN A 282 -3.43 6.36 9.77
C ASN A 282 -3.89 5.08 10.47
N GLY A 283 -2.90 4.33 10.94
CA GLY A 283 -3.16 3.14 11.75
C GLY A 283 -3.35 1.84 10.98
N GLY A 284 -3.22 1.87 9.66
CA GLY A 284 -3.31 0.67 8.87
C GLY A 284 -2.09 -0.20 9.09
N VAL A 285 -2.26 -1.50 8.92
CA VAL A 285 -1.18 -2.45 9.24
C VAL A 285 -1.01 -3.60 8.24
N VAL A 286 -1.79 -3.60 7.16
CA VAL A 286 -1.71 -4.67 6.16
C VAL A 286 -1.35 -4.07 4.81
N TYR A 287 -0.35 -4.67 4.17
CA TYR A 287 0.25 -4.17 2.94
C TYR A 287 0.28 -5.25 1.88
N ASN A 288 -0.04 -4.88 0.65
CA ASN A 288 0.07 -5.79 -0.48
C ASN A 288 0.32 -4.93 -1.71
N PHE A 289 0.89 -5.53 -2.75
CA PHE A 289 1.25 -4.77 -3.96
C PHE A 289 1.06 -5.58 -5.23
N GLU A 290 0.78 -4.85 -6.31
CA GLU A 290 0.90 -5.35 -7.68
C GLU A 290 1.65 -4.29 -8.46
N HIS A 291 2.22 -4.59 -9.63
CA HIS A 291 2.41 -5.92 -10.22
C HIS A 291 3.48 -6.66 -9.42
N PRO A 292 3.23 -7.94 -9.07
CA PRO A 292 4.21 -8.64 -8.23
C PRO A 292 5.64 -8.73 -8.79
N ALA A 293 5.78 -8.80 -10.12
CA ALA A 293 7.14 -8.98 -10.66
C ALA A 293 8.03 -7.77 -10.37
N TYR A 294 7.43 -6.58 -10.40
CA TYR A 294 8.16 -5.34 -10.14
C TYR A 294 8.23 -5.04 -8.64
N THR A 295 7.12 -5.20 -7.94
CA THR A 295 7.04 -4.83 -6.53
C THR A 295 7.73 -5.81 -5.59
N TYR A 296 7.77 -7.10 -5.95
CA TYR A 296 8.44 -8.12 -5.12
C TYR A 296 9.68 -8.73 -5.77
N GLY A 297 9.55 -9.12 -7.03
CA GLY A 297 10.65 -9.76 -7.74
C GLY A 297 10.25 -10.96 -8.55
N VAL A 298 11.26 -11.68 -9.04
CA VAL A 298 11.10 -12.83 -9.90
C VAL A 298 12.15 -13.87 -9.50
N ASN A 299 11.91 -15.13 -9.83
CA ASN A 299 12.91 -16.20 -9.66
C ASN A 299 13.50 -16.27 -8.24
N ASN A 300 12.65 -16.06 -7.25
CA ASN A 300 13.02 -16.06 -5.84
C ASN A 300 14.07 -15.02 -5.47
N LYS A 301 14.12 -13.93 -6.26
N LYS A 301 14.13 -13.93 -6.25
CA LYS A 301 15.04 -12.83 -6.02
CA LYS A 301 15.04 -12.83 -6.00
C LYS A 301 14.22 -11.57 -5.78
C LYS A 301 14.23 -11.57 -5.78
N GLU A 302 14.70 -10.72 -4.87
CA GLU A 302 14.02 -9.47 -4.57
C GLU A 302 14.28 -8.45 -5.66
N SER A 303 13.24 -7.81 -6.15
CA SER A 303 13.42 -6.64 -7.00
C SER A 303 14.00 -5.50 -6.17
N LEU A 304 14.64 -4.54 -6.83
CA LEU A 304 15.16 -3.38 -6.13
C LEU A 304 14.05 -2.52 -5.48
N LEU A 305 12.89 -2.45 -6.11
N LEU A 305 12.89 -2.44 -6.11
CA LEU A 305 11.74 -1.81 -5.48
CA LEU A 305 11.75 -1.80 -5.48
C LEU A 305 11.50 -2.48 -4.13
C LEU A 305 11.50 -2.48 -4.14
N PHE A 306 11.45 -3.81 -4.12
CA PHE A 306 11.26 -4.51 -2.86
C PHE A 306 12.41 -4.26 -1.90
N SER A 307 13.65 -4.43 -2.34
CA SER A 307 14.73 -4.41 -1.38
C SER A 307 15.00 -3.01 -0.81
N GLU A 308 14.88 -1.99 -1.67
CA GLU A 308 15.28 -0.64 -1.27
C GLU A 308 14.15 0.22 -0.75
N VAL A 309 12.91 -0.15 -1.05
CA VAL A 309 11.75 0.65 -0.64
C VAL A 309 10.85 -0.19 0.27
N ILE A 310 10.20 -1.22 -0.27
CA ILE A 310 9.18 -1.93 0.50
C ILE A 310 9.73 -2.65 1.74
N LYS A 311 10.82 -3.39 1.59
CA LYS A 311 11.42 -4.10 2.71
C LYS A 311 11.82 -3.15 3.84
N GLU A 312 12.44 -2.03 3.48
CA GLU A 312 12.86 -1.07 4.48
C GLU A 312 11.69 -0.35 5.13
N PHE A 313 10.69 -0.04 4.33
CA PHE A 313 9.48 0.56 4.87
C PHE A 313 8.82 -0.40 5.88
N PHE A 314 8.69 -1.66 5.48
CA PHE A 314 8.04 -2.63 6.33
C PHE A 314 8.84 -2.86 7.63
N ARG A 315 10.16 -2.91 7.53
CA ARG A 315 11.00 -2.92 8.73
C ARG A 315 10.74 -1.73 9.63
N TYR A 316 10.55 -0.55 9.03
CA TYR A 316 10.25 0.66 9.81
C TYR A 316 8.95 0.48 10.60
N VAL A 317 7.89 -0.04 9.96
CA VAL A 317 6.60 -0.15 10.64
C VAL A 317 6.55 -1.25 11.69
N ILE A 318 7.48 -2.20 11.62
CA ILE A 318 7.66 -3.20 12.68
C ILE A 318 8.39 -2.57 13.86
N ALA A 319 9.42 -1.78 13.56
CA ALA A 319 10.25 -1.13 14.60
C ALA A 319 9.53 0.00 15.32
N HIS A 320 8.62 0.66 14.59
CA HIS A 320 7.81 1.77 15.08
C HIS A 320 6.35 1.42 14.79
N PRO A 321 5.74 0.62 15.65
CA PRO A 321 4.34 0.25 15.39
C PRO A 321 3.47 1.46 15.04
N ALA A 322 2.58 1.27 14.07
CA ALA A 322 1.63 2.29 13.68
C ALA A 322 0.80 2.77 14.87
N PRO A 323 0.24 4.00 14.80
CA PRO A 323 -0.58 4.43 15.90
C PRO A 323 -1.76 3.45 16.15
N SER A 324 -1.98 3.14 17.42
CA SER A 324 -3.06 2.25 17.81
C SER A 324 -4.43 2.81 17.49
N LYS A 325 -5.42 1.93 17.50
CA LYS A 325 -6.82 2.38 17.31
C LYS A 325 -7.17 3.47 18.33
N GLU A 326 -6.80 3.24 19.59
CA GLU A 326 -7.07 4.19 20.68
C GLU A 326 -6.44 5.54 20.39
N LYS A 327 -5.18 5.53 19.96
CA LYS A 327 -4.44 6.73 19.61
C LYS A 327 -5.08 7.46 18.44
N VAL A 328 -5.39 6.74 17.38
CA VAL A 328 -6.01 7.37 16.22
C VAL A 328 -7.39 7.96 16.62
N LEU A 329 -8.16 7.22 17.42
CA LEU A 329 -9.46 7.72 17.92
C LEU A 329 -9.33 9.01 18.71
N GLU A 330 -8.34 9.06 19.60
CA GLU A 330 -8.04 10.27 20.40
C GLU A 330 -7.72 11.49 19.53
N ASP A 331 -6.93 11.24 18.47
CA ASP A 331 -6.50 12.26 17.51
C ASP A 331 -7.58 12.69 16.48
N THR A 332 -8.62 11.88 16.30
CA THR A 332 -9.65 12.20 15.30
C THR A 332 -10.54 13.33 15.82
N LYS A 333 -10.65 14.41 15.04
CA LYS A 333 -11.56 15.52 15.42
C LYS A 333 -12.90 15.50 14.69
N VAL A 334 -12.91 14.95 13.48
CA VAL A 334 -14.10 14.87 12.63
C VAL A 334 -14.20 13.45 12.09
N PHE A 335 -15.40 12.88 12.15
CA PHE A 335 -15.66 11.53 11.63
C PHE A 335 -16.94 11.63 10.77
N ILE A 336 -16.81 11.30 9.49
CA ILE A 336 -17.91 11.48 8.55
C ILE A 336 -18.81 10.25 8.50
N HIS A 337 -20.11 10.47 8.51
CA HIS A 337 -21.08 9.41 8.29
C HIS A 337 -21.85 9.72 7.01
N GLY A 338 -21.76 8.85 6.01
CA GLY A 338 -22.50 9.02 4.78
C GLY A 338 -21.73 8.55 3.58
N ASP A 339 -22.36 8.64 2.41
CA ASP A 339 -21.86 8.05 1.19
C ASP A 339 -21.10 9.04 0.33
N TYR A 340 -19.80 8.81 0.16
CA TYR A 340 -19.01 9.61 -0.75
C TYR A 340 -19.55 9.55 -2.17
N SER A 341 -20.22 8.45 -2.52
CA SER A 341 -20.81 8.32 -3.85
C SER A 341 -21.86 9.38 -4.18
N ASN A 342 -22.41 10.03 -3.16
CA ASN A 342 -23.40 11.11 -3.38
C ASN A 342 -22.78 12.48 -3.38
N LYS A 343 -21.48 12.57 -3.08
CA LYS A 343 -20.82 13.87 -2.92
C LYS A 343 -19.53 13.98 -3.76
N GLY A 344 -19.53 13.33 -4.92
CA GLY A 344 -18.46 13.50 -5.89
C GLY A 344 -17.33 12.51 -5.78
N ASN A 345 -17.49 11.49 -4.92
CA ASN A 345 -16.43 10.49 -4.77
C ASN A 345 -15.12 11.18 -4.43
N GLY A 346 -14.00 10.83 -5.08
CA GLY A 346 -12.71 11.43 -4.75
C GLY A 346 -12.61 12.93 -4.90
N LYS A 347 -13.51 13.51 -5.68
CA LYS A 347 -13.57 14.95 -5.79
C LYS A 347 -13.78 15.64 -4.45
N PHE A 348 -14.41 14.92 -3.51
CA PHE A 348 -14.68 15.44 -2.17
C PHE A 348 -13.42 16.04 -1.54
N PHE A 349 -12.28 15.37 -1.73
CA PHE A 349 -11.03 15.77 -1.07
C PHE A 349 -10.08 16.58 -1.95
N VAL A 350 -10.40 16.76 -3.22
CA VAL A 350 -9.52 17.52 -4.12
C VAL A 350 -9.52 18.99 -3.67
N ASN A 351 -8.31 19.52 -3.52
CA ASN A 351 -8.07 20.85 -2.98
C ASN A 351 -8.54 21.00 -1.53
N VAL A 352 -8.74 19.87 -0.86
CA VAL A 352 -8.83 19.81 0.59
C VAL A 352 -7.54 19.16 1.09
N ASN A 353 -7.33 17.89 0.77
CA ASN A 353 -6.00 17.29 1.01
C ASN A 353 -5.40 16.45 -0.12
N THR A 354 -5.99 16.48 -1.30
CA THR A 354 -5.37 15.92 -2.49
C THR A 354 -5.25 17.01 -3.57
N ASP A 355 -4.22 16.89 -4.41
CA ASP A 355 -3.96 17.97 -5.38
C ASP A 355 -4.64 17.82 -6.72
N ARG A 356 -5.32 16.69 -6.93
CA ARG A 356 -5.91 16.38 -8.22
C ARG A 356 -6.83 15.19 -8.03
N GLU A 357 -7.63 14.94 -9.04
CA GLU A 357 -8.60 13.87 -9.01
C GLU A 357 -7.99 12.47 -9.01
N GLN A 358 -6.88 12.30 -9.74
CA GLN A 358 -6.28 10.98 -9.94
C GLN A 358 -4.89 10.95 -9.32
N THR A 359 -4.86 10.66 -8.03
CA THR A 359 -3.61 10.52 -7.30
C THR A 359 -3.79 9.63 -6.10
N PRO A 360 -2.75 8.85 -5.73
CA PRO A 360 -2.77 8.06 -4.51
C PRO A 360 -2.05 8.76 -3.35
N LEU A 361 -1.70 10.03 -3.55
CA LEU A 361 -0.96 10.81 -2.59
C LEU A 361 -1.82 11.92 -1.98
N TYR A 362 -1.31 12.54 -0.91
CA TYR A 362 -1.94 13.69 -0.27
C TYR A 362 -1.02 14.90 -0.39
N MET A 363 -1.61 16.09 -0.37
N MET A 363 -1.60 16.10 -0.38
CA MET A 363 -0.83 17.32 -0.46
CA MET A 363 -0.78 17.31 -0.43
C MET A 363 -0.63 18.02 0.88
C MET A 363 -0.64 18.03 0.88
N THR A 364 -1.37 17.61 1.90
CA THR A 364 -1.17 18.08 3.27
C THR A 364 -1.51 16.97 4.23
N GLY A 365 -0.78 16.92 5.35
CA GLY A 365 -1.11 16.04 6.45
C GLY A 365 -1.94 16.69 7.56
N ARG A 366 -2.37 17.94 7.35
CA ARG A 366 -3.06 18.73 8.39
C ARG A 366 -4.28 18.00 9.00
N TYR A 367 -5.03 17.30 8.16
CA TYR A 367 -6.22 16.58 8.60
C TYR A 367 -6.00 15.09 8.68
N ASN A 368 -4.74 14.68 8.49
CA ASN A 368 -4.39 13.30 8.17
C ASN A 368 -5.44 12.73 7.20
N VAL A 369 -5.95 11.53 7.42
CA VAL A 369 -7.07 11.01 6.63
C VAL A 369 -8.31 11.12 7.50
N ILE A 370 -9.30 11.87 7.02
N ILE A 370 -9.30 11.87 7.01
CA ILE A 370 -10.55 12.01 7.76
CA ILE A 370 -10.58 12.01 7.72
C ILE A 370 -11.32 10.71 7.61
C ILE A 370 -11.32 10.69 7.60
N PRO A 371 -11.62 10.04 8.74
CA PRO A 371 -12.29 8.74 8.65
C PRO A 371 -13.77 8.88 8.36
N ALA A 372 -14.33 7.88 7.70
CA ALA A 372 -15.77 7.88 7.40
C ALA A 372 -16.30 6.47 7.41
N ILE A 373 -17.61 6.31 7.59
CA ILE A 373 -18.28 5.06 7.28
C ILE A 373 -19.50 5.36 6.40
N PRO A 374 -19.88 4.38 5.54
CA PRO A 374 -21.04 4.53 4.69
C PRO A 374 -22.31 4.85 5.46
N GLY A 375 -23.23 5.53 4.78
CA GLY A 375 -24.46 5.95 5.41
C GLY A 375 -25.33 4.82 5.93
N VAL A 376 -25.17 3.62 5.37
CA VAL A 376 -25.97 2.48 5.81
C VAL A 376 -25.65 2.03 7.24
N LEU A 377 -24.44 2.32 7.70
CA LEU A 377 -24.00 1.90 9.01
C LEU A 377 -24.42 2.92 10.05
N LYS A 378 -24.37 2.53 11.31
CA LYS A 378 -24.82 3.41 12.40
C LYS A 378 -23.64 4.00 13.15
N THR A 379 -23.87 5.20 13.71
CA THR A 379 -22.91 5.94 14.53
C THR A 379 -23.31 5.96 16.02
N ASP A 380 -24.34 5.17 16.36
CA ASP A 380 -24.86 5.09 17.73
C ASP A 380 -23.79 4.61 18.73
N LYS A 381 -23.09 3.52 18.39
CA LYS A 381 -22.09 2.93 19.28
C LYS A 381 -20.77 3.70 19.26
N LEU A 382 -20.43 4.27 18.10
CA LEU A 382 -19.12 4.93 17.89
C LEU A 382 -18.70 5.84 19.03
N ILE A 391 -14.78 13.65 19.59
CA ILE A 391 -14.93 13.58 18.12
C ILE A 391 -16.29 14.17 17.68
N GLN A 392 -16.25 15.03 16.64
CA GLN A 392 -17.49 15.49 15.99
C GLN A 392 -17.87 14.51 14.90
N ILE A 393 -18.98 13.80 15.11
CA ILE A 393 -19.53 12.90 14.10
C ILE A 393 -20.47 13.71 13.25
N LYS A 394 -20.18 13.81 11.95
CA LYS A 394 -20.87 14.70 11.06
C LYS A 394 -21.44 13.96 9.85
N GLU A 395 -22.70 14.23 9.53
CA GLU A 395 -23.30 13.72 8.31
C GLU A 395 -22.61 14.31 7.09
N ILE A 396 -22.38 13.49 6.07
CA ILE A 396 -21.70 13.96 4.88
C ILE A 396 -22.53 15.02 4.14
N THR A 397 -23.84 15.01 4.41
CA THR A 397 -24.80 15.95 3.84
C THR A 397 -24.89 17.27 4.61
N SER A 398 -24.09 17.41 5.66
N SER A 398 -24.11 17.42 5.67
CA SER A 398 -23.99 18.63 6.45
CA SER A 398 -24.12 18.63 6.46
C SER A 398 -23.57 19.81 5.60
C SER A 398 -23.59 19.80 5.63
N PRO A 399 -24.04 21.02 5.94
CA PRO A 399 -23.57 22.19 5.21
C PRO A 399 -22.07 22.39 5.21
N GLU A 400 -21.40 21.94 6.27
CA GLU A 400 -19.98 22.04 6.40
C GLU A 400 -19.20 21.28 5.34
N PHE A 401 -19.86 20.34 4.66
CA PHE A 401 -19.20 19.54 3.65
C PHE A 401 -19.74 19.82 2.25
N SER A 402 -20.54 20.87 2.10
CA SER A 402 -21.28 21.10 0.87
C SER A 402 -20.37 21.47 -0.33
N SER A 403 -19.22 22.06 -0.05
CA SER A 403 -18.31 22.51 -1.09
C SER A 403 -16.87 22.37 -0.61
N THR A 404 -15.94 22.45 -1.55
CA THR A 404 -14.53 22.45 -1.23
C THR A 404 -14.19 23.49 -0.17
N GLN A 405 -14.66 24.71 -0.39
CA GLN A 405 -14.36 25.81 0.53
C GLN A 405 -14.96 25.59 1.93
N ALA A 406 -16.21 25.14 1.97
CA ALA A 406 -16.86 24.82 3.24
C ALA A 406 -16.10 23.76 4.02
N ARG A 407 -15.60 22.74 3.34
CA ARG A 407 -14.89 21.66 4.01
C ARG A 407 -13.65 22.19 4.69
N LYS A 408 -12.87 22.97 3.95
CA LYS A 408 -11.66 23.55 4.53
C LYS A 408 -11.95 24.51 5.67
N GLU A 409 -12.93 25.39 5.50
CA GLU A 409 -13.28 26.31 6.56
C GLU A 409 -13.67 25.59 7.84
N TYR A 410 -14.44 24.51 7.71
CA TYR A 410 -14.84 23.74 8.89
C TYR A 410 -13.65 22.97 9.48
N LEU A 411 -12.97 22.19 8.64
CA LEU A 411 -11.86 21.38 9.12
C LEU A 411 -10.73 22.23 9.72
N ASN A 412 -10.50 23.41 9.15
CA ASN A 412 -9.40 24.27 9.62
C ASN A 412 -9.58 24.78 11.05
N LYS A 413 -10.84 24.88 11.48
CA LYS A 413 -11.17 25.26 12.85
C LYS A 413 -10.82 24.18 13.84
N LEU A 414 -10.81 22.92 13.40
CA LEU A 414 -10.58 21.77 14.29
C LEU A 414 -9.20 21.14 14.15
N TYR A 415 -8.58 21.34 12.99
CA TYR A 415 -7.25 20.86 12.71
C TYR A 415 -6.34 22.07 12.45
N PRO A 416 -5.54 22.46 13.44
CA PRO A 416 -4.73 23.64 13.25
C PRO A 416 -3.63 23.41 12.23
N MET A 417 -3.21 24.50 11.59
CA MET A 417 -2.08 24.47 10.71
C MET A 417 -0.86 24.18 11.58
N ASN A 418 -0.07 23.20 11.18
CA ASN A 418 1.09 22.80 12.01
C ASN A 418 2.43 22.72 11.28
N TYR A 419 2.46 23.19 10.04
CA TYR A 419 3.69 23.43 9.33
C TYR A 419 3.44 24.43 8.21
N GLU A 420 4.51 24.84 7.54
CA GLU A 420 4.42 25.77 6.44
C GLU A 420 5.06 25.15 5.22
N GLY A 421 4.60 25.58 4.05
CA GLY A 421 5.15 25.13 2.78
C GLY A 421 4.20 24.23 2.03
N ASP A 422 4.38 24.21 0.72
CA ASP A 422 3.54 23.45 -0.19
C ASP A 422 4.22 22.11 -0.45
N ILE A 423 3.97 21.18 0.46
CA ILE A 423 4.62 19.88 0.52
C ILE A 423 3.74 19.04 1.46
N PHE A 424 3.78 17.70 1.32
CA PHE A 424 3.08 16.86 2.30
C PHE A 424 3.92 16.72 3.57
N ALA A 425 3.32 16.97 4.73
CA ALA A 425 3.97 16.68 6.00
C ALA A 425 2.93 16.30 7.02
N GLN A 426 3.30 15.35 7.88
CA GLN A 426 2.44 14.94 9.00
C GLN A 426 3.35 14.58 10.17
N LYS A 427 2.90 14.96 11.37
CA LYS A 427 3.68 14.73 12.57
C LYS A 427 3.03 13.68 13.47
N LEU A 428 3.84 12.74 13.95
CA LEU A 428 3.42 11.77 14.97
C LEU A 428 4.46 11.86 16.06
N ASP A 429 4.02 12.09 17.30
CA ASP A 429 4.97 12.24 18.42
C ASP A 429 6.16 13.14 18.04
N ASN A 430 7.38 12.61 18.06
CA ASN A 430 8.56 13.42 17.79
C ASN A 430 9.09 13.26 16.36
N ARG A 431 8.20 12.86 15.47
CA ARG A 431 8.56 12.49 14.11
C ARG A 431 7.78 13.29 13.08
N TRP A 432 8.51 13.96 12.18
CA TRP A 432 7.93 14.58 11.00
C TRP A 432 8.13 13.63 9.82
N PHE A 433 7.01 13.31 9.15
CA PHE A 433 7.01 12.55 7.92
C PHE A 433 6.72 13.52 6.80
N VAL A 434 7.57 13.54 5.77
CA VAL A 434 7.46 14.52 4.71
C VAL A 434 7.59 13.82 3.36
N TYR A 435 6.81 14.23 2.38
CA TYR A 435 7.09 13.82 1.00
C TYR A 435 6.62 14.86 0.01
N ASN A 436 7.31 14.87 -1.14
CA ASN A 436 6.92 15.66 -2.29
C ASN A 436 5.74 14.95 -2.95
N TYR A 437 4.63 15.65 -3.16
CA TYR A 437 3.38 15.01 -3.61
C TYR A 437 3.15 15.02 -5.11
N LYS A 438 4.12 15.54 -5.86
CA LYS A 438 3.98 15.51 -7.32
C LYS A 438 4.01 14.06 -7.84
N VAL A 439 3.17 13.80 -8.81
CA VAL A 439 3.06 12.47 -9.38
C VAL A 439 3.94 12.33 -10.59
N ASN A 440 3.77 13.22 -11.56
CA ASN A 440 4.48 13.11 -12.84
C ASN A 440 4.90 14.48 -13.39
N GLU A 441 5.24 15.38 -12.46
CA GLU A 441 5.69 16.74 -12.75
C GLU A 441 7.00 16.96 -12.02
N ASN A 442 8.00 17.46 -12.72
CA ASN A 442 9.34 17.54 -12.16
C ASN A 442 9.54 18.87 -11.45
N VAL A 443 8.99 18.94 -10.25
CA VAL A 443 8.89 20.16 -9.46
C VAL A 443 9.31 19.90 -8.03
N LYS A 444 10.32 20.63 -7.56
CA LYS A 444 10.74 20.56 -6.17
C LYS A 444 9.72 21.21 -5.24
N GLN A 445 9.69 20.71 -4.01
CA GLN A 445 8.83 21.27 -2.98
C GLN A 445 9.63 21.54 -1.73
N THR A 446 9.16 22.51 -0.96
CA THR A 446 9.85 22.94 0.25
C THR A 446 8.86 23.04 1.42
N GLY A 447 9.36 22.75 2.62
CA GLY A 447 8.56 22.87 3.82
C GLY A 447 9.38 23.36 4.99
N LYS A 448 8.69 23.96 5.96
CA LYS A 448 9.28 24.41 7.22
C LYS A 448 8.54 23.70 8.33
N LEU A 449 9.29 22.85 9.05
CA LEU A 449 8.75 22.03 10.13
C LEU A 449 9.44 22.46 11.41
N LYS A 450 8.78 22.27 12.54
CA LYS A 450 9.39 22.57 13.83
C LYS A 450 9.29 21.43 14.79
N PHE A 451 10.35 21.29 15.60
CA PHE A 451 10.31 20.45 16.78
C PHE A 451 10.47 21.45 17.93
N ASN A 452 9.37 21.92 18.50
CA ASN A 452 9.38 23.01 19.46
C ASN A 452 10.08 24.23 18.83
N SER A 453 11.22 24.67 19.36
CA SER A 453 11.86 25.87 18.83
C SER A 453 12.84 25.57 17.71
N LEU A 454 13.17 24.28 17.52
CA LEU A 454 14.08 23.88 16.47
C LEU A 454 13.37 23.92 15.13
N GLU A 455 13.93 24.67 14.18
CA GLU A 455 13.34 24.79 12.85
C GLU A 455 14.07 23.90 11.87
N MET A 456 13.29 23.15 11.08
CA MET A 456 13.85 22.30 10.03
C MET A 456 13.18 22.62 8.71
N ASN A 457 13.96 23.14 7.78
CA ASN A 457 13.47 23.41 6.44
C ASN A 457 14.00 22.33 5.49
N VAL A 458 13.14 21.83 4.63
CA VAL A 458 13.57 20.78 3.69
C VAL A 458 13.23 21.18 2.28
N GLU A 459 14.02 20.68 1.33
N GLU A 459 14.03 20.71 1.33
CA GLU A 459 13.72 20.81 -0.09
CA GLU A 459 13.70 20.80 -0.10
C GLU A 459 13.83 19.43 -0.72
C GLU A 459 13.82 19.43 -0.71
N PHE A 460 12.73 18.96 -1.30
CA PHE A 460 12.63 17.60 -1.85
C PHE A 460 12.24 17.64 -3.33
N GLU A 461 12.94 16.86 -4.15
CA GLU A 461 12.47 16.54 -5.49
C GLU A 461 11.26 15.59 -5.42
N PRO A 462 10.54 15.43 -6.54
CA PRO A 462 9.50 14.41 -6.58
C PRO A 462 10.00 12.99 -6.19
N HIS A 463 9.07 12.19 -5.70
CA HIS A 463 9.34 10.80 -5.39
C HIS A 463 10.46 10.73 -4.36
N THR A 464 10.22 11.46 -3.25
CA THR A 464 11.13 11.55 -2.14
C THR A 464 10.30 11.62 -0.90
N TYR A 465 10.56 10.73 0.05
CA TYR A 465 10.00 10.84 1.39
C TYR A 465 11.08 10.77 2.44
N GLY A 466 10.77 11.37 3.58
CA GLY A 466 11.67 11.40 4.71
C GLY A 466 10.96 11.29 6.03
N ILE A 467 11.66 10.72 7.00
CA ILE A 467 11.18 10.61 8.37
C ILE A 467 12.26 11.21 9.26
N PHE A 468 11.87 12.22 10.05
CA PHE A 468 12.84 13.01 10.82
C PHE A 468 12.38 12.96 12.27
N GLU A 469 13.18 12.30 13.11
CA GLU A 469 12.82 12.04 14.50
C GLU A 469 13.74 12.79 15.43
N ARG A 470 13.16 13.68 16.24
CA ARG A 470 13.93 14.41 17.24
C ARG A 470 14.17 13.48 18.42
N ILE A 471 15.43 13.13 18.61
CA ILE A 471 15.88 12.25 19.67
C ILE A 471 16.65 13.10 20.67
N SER A 472 16.84 12.58 21.89
CA SER A 472 17.49 13.34 22.94
C SER A 472 18.83 13.97 22.52
N ASN A 473 19.60 13.23 21.72
CA ASN A 473 20.90 13.73 21.27
C ASN A 473 20.98 14.32 19.85
N GLY A 474 19.83 14.51 19.19
CA GLY A 474 19.84 15.16 17.88
C GLY A 474 18.66 14.77 17.02
N LEU A 475 18.96 14.26 15.84
CA LEU A 475 17.91 13.94 14.87
C LEU A 475 18.25 12.63 14.14
N LYS A 476 17.32 11.69 14.12
CA LYS A 476 17.42 10.48 13.29
C LYS A 476 16.72 10.77 11.95
N VAL A 477 17.39 10.42 10.86
CA VAL A 477 16.88 10.68 9.52
C VAL A 477 16.80 9.39 8.72
N ASN A 478 15.61 9.14 8.17
CA ASN A 478 15.40 8.14 7.12
C ASN A 478 14.93 8.91 5.88
N LEU A 479 15.61 8.67 4.76
CA LEU A 479 15.28 9.34 3.49
C LEU A 479 15.19 8.28 2.43
N ASN A 480 14.18 8.36 1.57
CA ASN A 480 14.11 7.45 0.43
C ASN A 480 13.67 8.20 -0.80
N ASN A 481 14.53 8.21 -1.81
CA ASN A 481 14.25 8.80 -3.11
C ASN A 481 14.61 7.86 -4.24
N PHE A 482 14.55 6.56 -3.95
CA PHE A 482 14.96 5.57 -4.91
C PHE A 482 14.07 5.59 -6.15
N ARG A 483 14.69 5.80 -7.30
CA ARG A 483 13.99 5.95 -8.57
C ARG A 483 14.94 5.60 -9.71
N THR A 484 14.78 4.41 -10.27
CA THR A 484 15.61 3.99 -11.39
C THR A 484 15.12 4.59 -12.68
N ASN A 485 15.96 4.50 -13.71
CA ASN A 485 15.69 5.10 -15.00
C ASN A 485 14.92 4.10 -15.86
N LYS A 486 13.67 4.43 -16.17
CA LYS A 486 12.81 3.57 -16.99
C LYS A 486 12.75 4.01 -18.45
N ASP A 487 13.56 5.00 -18.82
CA ASP A 487 13.47 5.56 -20.16
C ASP A 487 13.69 4.53 -21.26
N SER A 488 14.49 3.49 -21.00
N SER A 488 14.49 3.51 -21.01
CA SER A 488 14.70 2.44 -22.02
CA SER A 488 14.72 2.51 -22.04
C SER A 488 13.40 1.87 -22.53
C SER A 488 13.44 1.80 -22.51
N LEU A 489 12.45 1.68 -21.61
CA LEU A 489 11.15 1.11 -21.95
C LEU A 489 10.40 1.96 -22.98
N TRP A 490 10.74 3.24 -23.02
CA TRP A 490 10.04 4.22 -23.85
C TRP A 490 10.90 4.75 -24.97
N SER A 491 12.02 4.06 -25.22
CA SER A 491 12.89 4.46 -26.33
C SER A 491 12.14 4.25 -27.66
N ASN A 492 12.59 4.95 -28.69
CA ASN A 492 11.97 4.94 -30.00
C ASN A 492 10.67 5.72 -30.11
N ALA A 493 10.27 6.40 -29.02
CA ALA A 493 9.05 7.22 -29.00
C ALA A 493 9.41 8.61 -28.48
N GLN A 494 9.33 9.61 -29.34
CA GLN A 494 9.66 10.98 -28.94
C GLN A 494 8.46 11.73 -28.41
N ASP A 495 7.26 11.18 -28.63
CA ASP A 495 6.04 11.81 -28.16
C ASP A 495 4.97 10.75 -27.85
N ALA A 496 3.85 11.20 -27.31
CA ALA A 496 2.80 10.31 -26.88
C ALA A 496 2.19 9.53 -28.02
N ASN A 497 2.06 10.17 -29.19
CA ASN A 497 1.53 9.47 -30.37
C ASN A 497 2.40 8.26 -30.73
N GLN A 498 3.71 8.47 -30.73
CA GLN A 498 4.65 7.38 -31.04
C GLN A 498 4.66 6.33 -29.92
N ALA A 499 4.56 6.77 -28.66
CA ALA A 499 4.60 5.85 -27.52
C ALA A 499 3.41 4.89 -27.55
N LYS A 500 2.24 5.41 -27.87
CA LYS A 500 1.03 4.57 -27.95
C LYS A 500 1.19 3.45 -29.00
N LYS A 501 1.95 3.74 -30.03
CA LYS A 501 2.16 2.83 -31.17
C LYS A 501 3.34 1.87 -31.02
N LEU A 502 4.07 1.92 -29.92
CA LEU A 502 5.17 0.98 -29.72
C LEU A 502 4.67 -0.46 -29.77
N PRO A 503 5.54 -1.40 -30.15
CA PRO A 503 5.12 -2.80 -30.03
C PRO A 503 4.80 -3.12 -28.57
N GLN A 504 3.79 -3.94 -28.34
CA GLN A 504 3.48 -4.34 -26.96
C GLN A 504 4.67 -5.07 -26.33
N LEU A 505 5.02 -4.70 -25.10
CA LEU A 505 6.07 -5.40 -24.38
C LEU A 505 5.60 -6.83 -24.03
N THR A 506 4.32 -6.94 -23.70
CA THR A 506 3.64 -8.17 -23.24
C THR A 506 4.01 -8.57 -21.81
N LYS A 507 3.16 -9.40 -21.22
CA LYS A 507 3.39 -9.94 -19.88
C LYS A 507 4.70 -10.70 -19.81
N LYS A 508 4.90 -11.64 -20.71
CA LYS A 508 6.14 -12.42 -20.73
C LYS A 508 7.34 -11.52 -21.01
N GLY A 509 7.17 -10.54 -21.89
CA GLY A 509 8.22 -9.61 -22.22
C GLY A 509 8.64 -8.77 -21.03
N ALA A 510 7.66 -8.34 -20.23
CA ALA A 510 7.94 -7.50 -19.07
C ALA A 510 8.66 -8.32 -17.99
N ILE A 511 8.22 -9.56 -17.80
CA ILE A 511 8.91 -10.48 -16.87
C ILE A 511 10.36 -10.68 -17.28
N LYS A 512 10.58 -10.89 -18.57
CA LYS A 512 11.92 -11.08 -19.10
C LYS A 512 12.74 -9.81 -18.96
N TRP A 513 12.12 -8.65 -19.17
CA TRP A 513 12.81 -7.37 -18.98
C TRP A 513 13.27 -7.21 -17.53
N ILE A 514 12.41 -7.57 -16.60
CA ILE A 514 12.78 -7.52 -15.18
C ILE A 514 14.01 -8.42 -14.95
N GLU A 515 13.97 -9.65 -15.45
CA GLU A 515 15.09 -10.59 -15.30
C GLU A 515 16.39 -10.02 -15.87
N GLU A 516 16.32 -9.47 -17.06
CA GLU A 516 17.51 -9.16 -17.85
C GLU A 516 18.01 -7.73 -17.65
N HIS A 517 17.12 -6.84 -17.22
CA HIS A 517 17.45 -5.41 -17.19
C HIS A 517 17.05 -4.67 -15.91
N TYR A 518 16.51 -5.39 -14.93
CA TYR A 518 16.15 -4.77 -13.64
C TYR A 518 16.80 -5.53 -12.48
N ILE A 519 16.65 -6.84 -12.45
CA ILE A 519 17.35 -7.68 -11.47
C ILE A 519 18.86 -7.57 -11.66
N LYS A 520 19.27 -7.51 -12.92
CA LYS A 520 20.67 -7.27 -13.27
C LYS A 520 20.74 -6.19 -14.32
N ASP A 521 21.95 -5.63 -14.47
CA ASP A 521 22.23 -4.61 -15.48
C ASP A 521 21.26 -3.43 -15.36
N THR A 522 20.92 -3.13 -14.11
CA THR A 522 19.97 -2.10 -13.80
C THR A 522 20.43 -0.74 -14.29
N GLN A 523 19.51 0.00 -14.89
CA GLN A 523 19.79 1.40 -15.23
C GLN A 523 19.34 2.28 -14.08
N PHE A 524 20.28 2.51 -13.15
CA PHE A 524 20.01 3.32 -11.97
C PHE A 524 19.73 4.75 -12.39
N GLY A 525 18.95 5.43 -11.57
CA GLY A 525 18.68 6.84 -11.78
C GLY A 525 19.86 7.68 -11.34
N GLU A 526 19.85 8.94 -11.73
CA GLU A 526 20.89 9.84 -11.32
C GLU A 526 20.70 10.22 -9.87
N LYS A 527 21.82 10.45 -9.19
CA LYS A 527 21.74 11.04 -7.85
C LYS A 527 21.09 12.41 -7.97
N ARG A 528 20.35 12.79 -6.94
CA ARG A 528 19.68 14.06 -6.92
C ARG A 528 19.70 14.64 -5.51
N VAL A 529 19.56 15.96 -5.43
CA VAL A 529 19.83 16.67 -4.19
C VAL A 529 18.60 16.86 -3.30
N THR A 530 18.80 16.57 -2.01
CA THR A 530 17.91 16.91 -0.93
C THR A 530 18.64 17.89 -0.01
N LYS A 531 17.94 18.93 0.41
CA LYS A 531 18.50 19.89 1.33
C LYS A 531 17.71 19.87 2.63
N ILE A 532 18.45 19.88 3.74
CA ILE A 532 17.88 19.96 5.08
C ILE A 532 18.59 21.08 5.83
N VAL A 533 17.85 22.05 6.33
CA VAL A 533 18.44 23.16 7.07
C VAL A 533 17.89 23.13 8.49
N LEU A 534 18.77 23.12 9.48
CA LEU A 534 18.36 23.18 10.88
C LEU A 534 18.80 24.51 11.47
N ARG A 535 17.85 25.20 12.08
CA ARG A 535 18.11 26.49 12.70
C ARG A 535 17.84 26.40 14.17
N GLY A 536 18.77 26.92 14.95
CA GLY A 536 18.69 26.89 16.42
C GLY A 536 19.59 25.83 17.05
N ILE A 537 20.78 25.61 16.49
CA ILE A 537 21.70 24.61 17.00
C ILE A 537 23.01 25.25 17.49
N ASP A 538 23.63 24.59 18.46
CA ASP A 538 24.74 25.15 19.21
C ASP A 538 26.06 25.10 18.43
N LYS A 539 26.36 23.93 17.89
CA LYS A 539 27.64 23.65 17.24
C LYS A 539 27.42 22.77 16.00
N LEU A 540 28.41 22.71 15.13
CA LEU A 540 28.41 21.78 14.00
C LEU A 540 27.95 20.38 14.44
N PRO A 541 26.85 19.88 13.88
CA PRO A 541 26.47 18.54 14.27
C PRO A 541 27.45 17.49 13.79
N THR A 542 27.45 16.35 14.45
CA THR A 542 28.21 15.20 14.02
C THR A 542 27.25 14.18 13.38
N ILE A 543 27.75 13.42 12.42
CA ILE A 543 26.95 12.41 11.71
C ILE A 543 27.38 11.01 12.15
N HIS A 544 26.40 10.12 12.28
CA HIS A 544 26.58 8.80 12.85
C HIS A 544 25.71 7.81 12.12
N SER A 545 26.13 6.56 12.12
CA SER A 545 25.29 5.45 11.65
C SER A 545 24.74 5.68 10.24
N LEU A 546 25.62 6.17 9.36
CA LEU A 546 25.26 6.42 7.97
C LEU A 546 25.28 5.13 7.17
N SER A 547 24.16 4.82 6.53
CA SER A 547 24.06 3.65 5.66
C SER A 547 22.96 3.89 4.65
N GLY A 548 22.97 3.10 3.59
CA GLY A 548 21.91 3.21 2.60
C GLY A 548 22.16 2.27 1.45
N THR A 549 21.35 2.41 0.40
CA THR A 549 21.51 1.60 -0.79
C THR A 549 22.96 1.68 -1.29
N ASN A 550 23.55 0.53 -1.60
N ASN A 550 23.54 0.53 -1.61
CA ASN A 550 24.95 0.50 -2.00
CA ASN A 550 24.92 0.46 -2.08
C ASN A 550 25.18 1.36 -3.24
C ASN A 550 25.15 1.40 -3.26
N ASN A 551 26.27 2.12 -3.23
CA ASN A 551 26.68 2.95 -4.38
C ASN A 551 25.64 3.98 -4.78
N SER A 552 24.86 4.48 -3.83
CA SER A 552 23.74 5.34 -4.17
C SER A 552 23.78 6.74 -3.59
N TYR A 553 24.78 7.05 -2.76
CA TYR A 553 24.83 8.35 -2.13
C TYR A 553 26.25 8.85 -1.96
N ASP A 554 26.41 10.14 -2.15
CA ASP A 554 27.62 10.85 -1.77
C ASP A 554 27.60 11.07 -0.27
N GLN A 555 28.77 11.31 0.31
CA GLN A 555 28.82 11.64 1.72
C GLN A 555 28.05 12.95 1.97
N PRO A 556 27.10 12.94 2.91
CA PRO A 556 26.41 14.21 3.15
C PRO A 556 27.36 15.34 3.50
N SER A 557 26.99 16.53 3.07
CA SER A 557 27.77 17.72 3.34
C SER A 557 27.08 18.56 4.39
N LEU A 558 27.82 18.89 5.44
CA LEU A 558 27.34 19.70 6.53
C LEU A 558 28.05 21.03 6.50
N ASN A 559 27.29 22.11 6.45
CA ASN A 559 27.85 23.44 6.47
C ASN A 559 27.25 24.24 7.61
N PHE A 560 28.03 24.40 8.67
CA PHE A 560 27.57 25.07 9.87
C PHE A 560 27.90 26.57 9.82
N ASP A 561 26.93 27.38 10.19
CA ASP A 561 27.06 28.83 10.21
C ASP A 561 26.89 29.26 11.67
N GLN A 562 28.03 29.53 12.32
CA GLN A 562 28.06 29.81 13.75
C GLN A 562 27.21 31.02 14.12
N LYS A 563 27.38 32.09 13.37
CA LYS A 563 26.73 33.37 13.65
C LYS A 563 25.23 33.20 13.71
N ASN A 564 24.69 32.39 12.79
CA ASN A 564 23.26 32.17 12.68
C ASN A 564 22.78 30.87 13.30
N HIS A 565 23.67 30.15 13.98
CA HIS A 565 23.35 28.91 14.69
C HIS A 565 22.52 27.98 13.84
N MET A 566 23.03 27.74 12.65
CA MET A 566 22.33 26.90 11.72
C MET A 566 23.27 26.02 10.94
N VAL A 567 22.71 24.91 10.45
CA VAL A 567 23.45 24.02 9.57
C VAL A 567 22.64 23.71 8.34
N THR A 568 23.32 23.69 7.20
CA THR A 568 22.72 23.29 5.94
C THR A 568 23.32 21.94 5.58
N ILE A 569 22.44 20.95 5.47
CA ILE A 569 22.85 19.60 5.10
C ILE A 569 22.45 19.36 3.64
N THR A 570 23.43 19.02 2.80
CA THR A 570 23.17 18.72 1.39
C THR A 570 23.48 17.26 1.13
N ILE A 571 22.49 16.55 0.58
CA ILE A 571 22.57 15.13 0.27
C ILE A 571 22.36 14.98 -1.23
N ASN A 572 23.18 14.14 -1.85
CA ASN A 572 23.09 13.81 -3.27
C ASN A 572 23.03 12.29 -3.33
N SER A 573 21.88 11.78 -3.73
CA SER A 573 21.58 10.38 -3.55
C SER A 573 20.45 9.92 -4.47
N ASN A 574 20.31 8.61 -4.57
CA ASN A 574 19.17 7.99 -5.23
C ASN A 574 19.03 6.58 -4.65
N GLY A 575 18.21 6.46 -3.62
CA GLY A 575 18.18 5.24 -2.82
C GLY A 575 17.55 5.43 -1.48
N ASN A 576 17.64 4.41 -0.65
CA ASN A 576 17.30 4.50 0.78
C ASN A 576 18.54 5.03 1.51
N LEU A 577 18.31 5.81 2.57
CA LEU A 577 19.41 6.40 3.33
C LEU A 577 18.98 6.58 4.78
N GLU A 578 19.90 6.32 5.70
CA GLU A 578 19.68 6.54 7.12
C GLU A 578 20.93 7.16 7.72
N PHE A 579 20.73 8.05 8.68
CA PHE A 579 21.83 8.54 9.52
C PHE A 579 21.27 9.25 10.72
N GLU A 580 22.13 9.51 11.70
CA GLU A 580 21.81 10.35 12.83
C GLU A 580 22.70 11.57 12.84
N LEU A 581 22.11 12.70 13.21
CA LEU A 581 22.86 13.91 13.51
C LEU A 581 22.83 14.10 15.01
N HIS A 582 23.98 14.35 15.62
CA HIS A 582 24.03 14.67 17.03
C HIS A 582 24.39 16.12 17.21
N PHE A 583 23.64 16.80 18.07
CA PHE A 583 23.79 18.24 18.29
C PHE A 583 22.95 18.61 19.51
N LEU A 584 23.18 19.82 20.01
CA LEU A 584 22.34 20.45 21.03
C LEU A 584 21.70 21.69 20.43
N GLU A 585 20.62 22.17 21.04
CA GLU A 585 20.02 23.41 20.61
C GLU A 585 20.75 24.61 21.20
N HIS A 586 20.64 25.73 20.48
CA HIS A 586 21.01 27.06 20.95
C HIS A 586 19.75 27.93 20.98
C1 GAL B . -6.55 -5.74 -12.89
C2 GAL B . -5.77 -7.04 -13.13
C3 GAL B . -4.38 -6.85 -13.75
C4 GAL B . -4.41 -5.80 -14.87
C5 GAL B . -5.07 -4.53 -14.29
C6 GAL B . -5.15 -3.36 -15.26
O1 GAL B . -7.91 -6.09 -12.84
O2 GAL B . -5.63 -7.69 -11.89
O3 GAL B . -4.00 -8.14 -14.20
O4 GAL B . -5.06 -6.28 -16.03
O5 GAL B . -6.41 -4.88 -14.00
O6 GAL B . -5.52 -2.19 -14.52
C1 FUC B . -5.91 -9.10 -11.88
C2 FUC B . -5.44 -9.65 -10.54
C3 FUC B . -6.32 -9.15 -9.40
C4 FUC B . -7.77 -9.49 -9.74
C5 FUC B . -8.15 -8.86 -11.08
C6 FUC B . -9.61 -9.19 -11.47
O2 FUC B . -4.08 -9.32 -10.30
O3 FUC B . -5.94 -9.77 -8.20
O4 FUC B . -7.94 -10.89 -9.75
O5 FUC B . -7.29 -9.38 -12.09
O5 A2G B . -1.70 -8.13 -13.92
C1 A2G B . -2.73 -8.26 -14.89
C2 A2G B . -2.67 -9.62 -15.57
N2 A2G B . -3.80 -9.69 -16.49
C3 A2G B . -2.74 -10.75 -14.55
O3 A2G B . -2.60 -12.00 -15.26
C4 A2G B . -1.59 -10.58 -13.52
O4 A2G B . -0.32 -10.76 -14.17
C5 A2G B . -1.69 -9.17 -12.88
C6 A2G B . -0.49 -8.90 -11.94
O6 A2G B . -0.58 -7.57 -11.37
C7 A2G B . -3.80 -9.03 -17.63
O7 A2G B . -2.85 -8.34 -18.04
C8 A2G B . -5.10 -9.16 -18.42
S SO4 C . 18.66 -8.28 4.22
O1 SO4 C . 18.37 -8.85 5.53
O2 SO4 C . 17.85 -9.01 3.24
O3 SO4 C . 18.34 -6.85 4.11
O4 SO4 C . 20.08 -8.44 3.88
S SO4 D . -16.95 23.03 -5.38
O1 SO4 D . -17.22 22.08 -4.31
O2 SO4 D . -17.87 24.16 -5.30
O3 SO4 D . -15.58 23.54 -5.22
O4 SO4 D . -17.01 22.39 -6.69
S SO4 E . -20.54 -22.93 -3.17
O1 SO4 E . -21.01 -24.22 -2.65
O2 SO4 E . -21.73 -22.12 -3.44
O3 SO4 E . -19.69 -22.33 -2.11
O4 SO4 E . -19.83 -23.16 -4.44
C1 EDO F . -8.68 12.41 -5.17
O1 EDO F . -9.17 12.89 -3.92
C2 EDO F . -7.89 11.12 -4.94
O2 EDO F . -8.80 10.11 -4.47
C1 EDO G . -5.22 -21.60 -18.95
O1 EDO G . -5.67 -22.44 -20.03
C2 EDO G . -4.03 -20.78 -19.43
O2 EDO G . -4.47 -19.81 -20.39
C1 EDO H . -6.62 -14.59 -16.10
O1 EDO H . -7.87 -14.60 -15.45
C2 EDO H . -6.54 -13.40 -17.03
O2 EDO H . -6.05 -13.81 -18.32
#